data_1CXZ
#
_entry.id   1CXZ
#
_cell.length_a   66.9
_cell.length_b   66.9
_cell.length_c   149.5
_cell.angle_alpha   90
_cell.angle_beta   90
_cell.angle_gamma   90
#
_symmetry.space_group_name_H-M   'P 41 21 2'
#
loop_
_entity.id
_entity.type
_entity.pdbx_description
1 polymer 'PROTEIN (HIS-TAGGED TRANSFORMING PROTEIN RHOA(0-181))'
2 polymer 'PROTEIN (PKN)'
3 non-polymer 'MAGNESIUM ION'
4 non-polymer "5'-GUANOSINE-DIPHOSPHATE-MONOTHIOPHOSPHATE"
5 water water
#
loop_
_entity_poly.entity_id
_entity_poly.type
_entity_poly.pdbx_seq_one_letter_code
_entity_poly.pdbx_strand_id
1 'polypeptide(L)'
;SMAAIRKKLVIVGDVACGKTCLLIVFSKDQFPEVYVPTVFENYVADIEVDGKQVELALWDTAGQEDYDRLRPLSYPDTDV
ILMCFSIDSPDSLENIPEKWTPEVKHFCPNVPIILVGNKKDLRNDEHTRRELAKMKQEPVKPEEGRDMANRIGAFGYMEC
SAKTKDGVREVFEMATRAALQA
;
A
2 'polypeptide(L)'
;WSLLEQLGLAGADLAAPGVQQQLELERERLRREIRKELKLKEGAENLRRATTDLGRSLGPVELLLRGSSRRLDLLHQQLQ
ELHAHV
;
B
#
loop_
_chem_comp.id
_chem_comp.type
_chem_comp.name
_chem_comp.formula
GSP non-polymer 5'-GUANOSINE-DIPHOSPHATE-MONOTHIOPHOSPHATE 'C10 H16 N5 O13 P3 S'
MG non-polymer 'MAGNESIUM ION' 'Mg 2'
#
# COMPACT_ATOMS: atom_id res chain seq x y z
N SER A 1 -21.60 -8.28 -11.48
CA SER A 1 -20.13 -8.20 -11.21
C SER A 1 -19.85 -8.43 -9.73
N MET A 2 -19.25 -9.57 -9.42
CA MET A 2 -18.92 -9.94 -8.04
C MET A 2 -18.01 -8.92 -7.33
N ALA A 3 -17.91 -9.07 -6.01
CA ALA A 3 -17.07 -8.17 -5.21
C ALA A 3 -15.61 -8.56 -5.34
N ALA A 4 -14.73 -7.61 -5.01
CA ALA A 4 -13.30 -7.84 -5.08
C ALA A 4 -12.85 -8.77 -3.96
N ILE A 5 -11.81 -9.55 -4.22
CA ILE A 5 -11.25 -10.46 -3.22
C ILE A 5 -10.59 -9.60 -2.15
N ARG A 6 -10.89 -9.89 -0.88
CA ARG A 6 -10.29 -9.12 0.21
C ARG A 6 -9.04 -9.76 0.78
N LYS A 7 -8.00 -8.94 0.92
CA LYS A 7 -6.72 -9.38 1.47
C LYS A 7 -6.15 -8.23 2.29
N LYS A 8 -5.59 -8.55 3.45
CA LYS A 8 -5.01 -7.52 4.32
C LYS A 8 -3.49 -7.56 4.28
N LEU A 9 -2.89 -6.37 4.15
CA LEU A 9 -1.44 -6.22 4.09
C LEU A 9 -0.93 -5.39 5.27
N VAL A 10 0.12 -5.89 5.91
CA VAL A 10 0.73 -5.18 7.04
C VAL A 10 2.16 -4.82 6.64
N ILE A 11 2.55 -3.57 6.90
CA ILE A 11 3.89 -3.11 6.58
C ILE A 11 4.65 -2.81 7.86
N VAL A 12 5.87 -3.34 7.94
CA VAL A 12 6.73 -3.12 9.11
C VAL A 12 8.13 -2.67 8.70
N GLY A 13 8.91 -2.20 9.67
CA GLY A 13 10.25 -1.74 9.36
C GLY A 13 10.65 -0.61 10.27
N ASP A 14 11.94 -0.28 10.27
CA ASP A 14 12.49 0.78 11.11
C ASP A 14 11.85 2.15 10.97
N VAL A 15 12.12 2.99 11.97
CA VAL A 15 11.62 4.36 12.03
C VAL A 15 12.06 5.13 10.78
N ALA A 16 11.11 5.85 10.18
CA ALA A 16 11.37 6.68 9.01
C ALA A 16 12.03 5.98 7.80
N CYS A 17 11.83 4.67 7.67
CA CYS A 17 12.43 3.95 6.54
C CYS A 17 11.57 4.06 5.27
N GLY A 18 10.49 4.86 5.37
CA GLY A 18 9.63 5.10 4.22
C GLY A 18 8.38 4.25 4.08
N LYS A 19 7.86 3.72 5.19
CA LYS A 19 6.67 2.87 5.14
C LYS A 19 5.38 3.57 4.73
N THR A 20 5.06 4.67 5.42
CA THR A 20 3.86 5.45 5.13
C THR A 20 3.84 6.05 3.73
N CYS A 21 4.94 6.67 3.33
CA CYS A 21 5.00 7.27 1.99
C CYS A 21 4.76 6.21 0.91
N LEU A 22 5.27 5.00 1.15
CA LEU A 22 5.09 3.90 0.22
C LEU A 22 3.60 3.52 0.10
N LEU A 23 2.90 3.45 1.23
CA LEU A 23 1.48 3.10 1.21
C LEU A 23 0.62 4.21 0.58
N ILE A 24 0.90 5.46 0.93
CA ILE A 24 0.14 6.60 0.43
C ILE A 24 0.40 6.89 -1.06
N VAL A 25 1.67 6.80 -1.46
CA VAL A 25 2.04 7.02 -2.86
C VAL A 25 1.33 6.00 -3.73
N PHE A 26 1.22 4.77 -3.23
CA PHE A 26 0.55 3.74 -3.99
C PHE A 26 -0.98 3.86 -4.01
N SER A 27 -1.58 4.04 -2.83
CA SER A 27 -3.04 4.12 -2.72
C SER A 27 -3.71 5.45 -3.02
N LYS A 28 -2.97 6.55 -2.86
CA LYS A 28 -3.51 7.89 -3.12
C LYS A 28 -2.76 8.66 -4.20
N ASP A 29 -1.62 8.10 -4.64
CA ASP A 29 -0.78 8.73 -5.65
C ASP A 29 -0.35 10.12 -5.20
N GLN A 30 -0.04 10.21 -3.91
CA GLN A 30 0.41 11.45 -3.28
C GLN A 30 1.58 11.11 -2.38
N PHE A 31 2.58 11.98 -2.38
CA PHE A 31 3.73 11.81 -1.51
C PHE A 31 3.45 12.74 -0.34
N PRO A 32 3.21 12.17 0.86
CA PRO A 32 2.92 12.95 2.08
C PRO A 32 3.82 14.17 2.24
N GLU A 33 3.18 15.34 2.28
CA GLU A 33 3.87 16.62 2.41
C GLU A 33 4.62 16.81 3.74
N VAL A 34 4.13 16.18 4.80
CA VAL A 34 4.75 16.29 6.12
C VAL A 34 4.97 14.92 6.72
N TYR A 35 6.11 14.76 7.41
CA TYR A 35 6.46 13.50 8.06
C TYR A 35 5.83 13.44 9.45
N VAL A 36 5.01 12.43 9.67
CA VAL A 36 4.35 12.22 10.95
C VAL A 36 4.54 10.77 11.36
N PRO A 37 5.35 10.51 12.41
CA PRO A 37 5.61 9.15 12.90
C PRO A 37 4.27 8.44 13.13
N THR A 38 4.17 7.21 12.63
CA THR A 38 2.95 6.44 12.75
C THR A 38 2.84 5.58 14.00
N VAL A 39 1.64 5.55 14.58
CA VAL A 39 1.34 4.71 15.73
C VAL A 39 0.59 3.55 15.05
N PHE A 40 -0.51 3.89 14.37
CA PHE A 40 -1.29 2.94 13.59
C PHE A 40 -2.31 3.64 12.70
N GLU A 41 -2.32 3.30 11.42
CA GLU A 41 -3.25 3.87 10.45
C GLU A 41 -3.60 2.77 9.46
N ASN A 42 -4.69 2.94 8.72
CA ASN A 42 -5.10 1.96 7.72
C ASN A 42 -5.76 2.62 6.52
N TYR A 43 -5.51 2.08 5.34
CA TYR A 43 -6.05 2.61 4.10
C TYR A 43 -6.50 1.46 3.21
N VAL A 44 -7.30 1.78 2.18
CA VAL A 44 -7.74 0.75 1.25
C VAL A 44 -7.22 1.11 -0.12
N ALA A 45 -6.70 0.11 -0.81
CA ALA A 45 -6.18 0.29 -2.14
C ALA A 45 -6.91 -0.69 -3.04
N ASP A 46 -6.96 -0.39 -4.33
CA ASP A 46 -7.61 -1.27 -5.27
C ASP A 46 -6.57 -1.74 -6.26
N ILE A 47 -6.58 -3.02 -6.58
CA ILE A 47 -5.59 -3.54 -7.50
C ILE A 47 -6.10 -4.77 -8.25
N GLU A 48 -5.54 -4.97 -9.43
CA GLU A 48 -5.89 -6.11 -10.25
C GLU A 48 -4.60 -6.76 -10.76
N VAL A 49 -4.42 -8.04 -10.42
CA VAL A 49 -3.24 -8.78 -10.87
C VAL A 49 -3.70 -10.09 -11.50
N ASP A 50 -3.15 -10.40 -12.67
CA ASP A 50 -3.49 -11.62 -13.39
C ASP A 50 -5.00 -11.79 -13.58
N GLY A 51 -5.67 -10.69 -13.97
CA GLY A 51 -7.10 -10.73 -14.19
C GLY A 51 -7.97 -10.89 -12.96
N LYS A 52 -7.39 -10.80 -11.76
CA LYS A 52 -8.16 -10.94 -10.53
C LYS A 52 -8.25 -9.60 -9.83
N GLN A 53 -9.47 -9.16 -9.53
CA GLN A 53 -9.63 -7.88 -8.83
C GLN A 53 -9.48 -8.08 -7.33
N VAL A 54 -8.67 -7.24 -6.70
CA VAL A 54 -8.43 -7.34 -5.27
C VAL A 54 -8.56 -6.02 -4.51
N GLU A 55 -9.22 -6.07 -3.37
CA GLU A 55 -9.36 -4.89 -2.53
C GLU A 55 -8.36 -5.12 -1.39
N LEU A 56 -7.24 -4.40 -1.46
CA LEU A 56 -6.15 -4.52 -0.50
C LEU A 56 -6.27 -3.61 0.72
N ALA A 57 -6.32 -4.21 1.92
CA ALA A 57 -6.38 -3.43 3.16
C ALA A 57 -4.93 -3.14 3.55
N LEU A 58 -4.58 -1.87 3.68
CA LEU A 58 -3.21 -1.48 4.03
C LEU A 58 -3.07 -1.05 5.48
N TRP A 59 -2.54 -1.94 6.31
CA TRP A 59 -2.35 -1.63 7.71
C TRP A 59 -0.95 -1.08 7.97
N ASP A 60 -0.91 0.19 8.34
CA ASP A 60 0.33 0.90 8.60
C ASP A 60 0.73 0.81 10.08
N THR A 61 1.93 0.28 10.34
CA THR A 61 2.40 0.15 11.72
C THR A 61 3.53 1.10 12.07
N ALA A 62 3.86 1.14 13.35
CA ALA A 62 4.90 2.01 13.88
C ALA A 62 6.29 1.42 13.83
N GLY A 63 7.26 2.23 13.40
CA GLY A 63 8.64 1.79 13.37
C GLY A 63 9.26 1.97 14.77
N GLN A 64 8.77 2.99 15.49
CA GLN A 64 9.23 3.31 16.83
C GLN A 64 9.04 2.21 17.85
N GLU A 65 10.07 2.01 18.67
CA GLU A 65 10.04 1.02 19.73
C GLU A 65 8.97 1.37 20.77
N ASP A 66 8.68 2.66 20.92
CA ASP A 66 7.68 3.14 21.87
C ASP A 66 6.30 2.50 21.69
N TYR A 67 6.00 2.10 20.45
CA TYR A 67 4.71 1.49 20.16
C TYR A 67 4.75 -0.01 19.87
N ASP A 68 5.79 -0.70 20.35
CA ASP A 68 5.94 -2.14 20.16
C ASP A 68 4.75 -2.92 20.71
N ARG A 69 4.14 -2.43 21.78
CA ARG A 69 2.99 -3.10 22.40
C ARG A 69 1.78 -3.18 21.49
N LEU A 70 1.59 -2.15 20.67
CA LEU A 70 0.46 -2.10 19.75
C LEU A 70 0.63 -2.99 18.52
N ARG A 71 1.85 -3.03 17.97
CA ARG A 71 2.11 -3.80 16.76
C ARG A 71 1.65 -5.24 16.69
N PRO A 72 1.88 -6.04 17.76
CA PRO A 72 1.43 -7.43 17.70
C PRO A 72 -0.06 -7.63 17.41
N LEU A 73 -0.89 -6.68 17.82
CA LEU A 73 -2.33 -6.77 17.59
C LEU A 73 -2.76 -6.49 16.13
N SER A 74 -1.81 -6.09 15.29
CA SER A 74 -2.10 -5.81 13.88
C SER A 74 -1.78 -7.01 12.99
N TYR A 75 -1.21 -8.05 13.58
CA TYR A 75 -0.80 -9.26 12.87
C TYR A 75 -1.85 -10.33 12.53
N PRO A 76 -2.75 -10.69 13.48
CA PRO A 76 -3.79 -11.70 13.31
C PRO A 76 -4.22 -12.23 11.94
N ASP A 77 -4.91 -11.44 11.13
CA ASP A 77 -5.35 -11.98 9.83
C ASP A 77 -4.64 -11.40 8.60
N THR A 78 -3.32 -11.37 8.66
CA THR A 78 -2.51 -10.83 7.58
C THR A 78 -2.25 -11.84 6.46
N ASP A 79 -2.46 -11.40 5.22
CA ASP A 79 -2.25 -12.26 4.06
C ASP A 79 -0.87 -12.05 3.43
N VAL A 80 -0.26 -10.90 3.68
CA VAL A 80 1.05 -10.59 3.17
C VAL A 80 1.75 -9.49 3.97
N ILE A 81 3.03 -9.69 4.22
CA ILE A 81 3.83 -8.73 4.96
C ILE A 81 4.82 -8.03 4.04
N LEU A 82 4.89 -6.70 4.16
CA LEU A 82 5.85 -5.90 3.41
C LEU A 82 6.81 -5.51 4.52
N MET A 83 7.96 -6.16 4.56
CA MET A 83 8.98 -5.87 5.57
C MET A 83 9.96 -4.91 4.92
N CYS A 84 10.10 -3.72 5.50
CA CYS A 84 10.95 -2.69 4.92
C CYS A 84 12.20 -2.28 5.66
N PHE A 85 13.08 -1.65 4.90
CA PHE A 85 14.33 -1.07 5.36
C PHE A 85 14.63 0.01 4.32
N SER A 86 15.47 0.98 4.67
CA SER A 86 15.81 2.03 3.73
C SER A 86 17.19 1.82 3.12
N ILE A 87 17.29 2.02 1.81
CA ILE A 87 18.51 1.88 1.05
C ILE A 87 19.61 2.87 1.50
N ASP A 88 19.21 3.94 2.18
CA ASP A 88 20.17 4.94 2.67
C ASP A 88 20.55 4.69 4.13
N SER A 89 20.14 3.54 4.67
CA SER A 89 20.42 3.19 6.05
C SER A 89 20.75 1.71 6.24
N PRO A 90 22.05 1.37 6.28
CA PRO A 90 22.47 -0.03 6.46
C PRO A 90 22.01 -0.56 7.82
N ASP A 91 21.82 0.36 8.78
CA ASP A 91 21.37 -0.03 10.12
C ASP A 91 19.94 -0.56 10.07
N SER A 92 19.12 0.03 9.19
CA SER A 92 17.73 -0.38 9.03
C SER A 92 17.67 -1.75 8.38
N LEU A 93 18.70 -2.09 7.62
CA LEU A 93 18.78 -3.38 6.94
C LEU A 93 19.23 -4.43 7.94
N GLU A 94 20.08 -4.02 8.88
CA GLU A 94 20.57 -4.93 9.90
C GLU A 94 19.49 -5.28 10.92
N ASN A 95 18.46 -4.45 11.04
CA ASN A 95 17.38 -4.73 11.97
C ASN A 95 16.36 -5.71 11.39
N ILE A 96 16.52 -6.04 10.12
CA ILE A 96 15.62 -6.98 9.45
C ILE A 96 15.69 -8.33 10.15
N PRO A 97 16.88 -8.95 10.21
CA PRO A 97 16.96 -10.26 10.88
C PRO A 97 17.00 -10.12 12.40
N GLU A 98 17.39 -8.94 12.87
CA GLU A 98 17.49 -8.67 14.30
C GLU A 98 16.17 -8.45 15.03
N LYS A 99 15.30 -7.62 14.44
CA LYS A 99 14.02 -7.32 15.07
C LYS A 99 12.76 -7.72 14.31
N TRP A 100 12.65 -7.27 13.06
CA TRP A 100 11.46 -7.53 12.26
C TRP A 100 11.14 -8.97 11.92
N THR A 101 12.14 -9.72 11.44
CA THR A 101 11.90 -11.10 11.09
C THR A 101 11.47 -11.95 12.29
N PRO A 102 12.18 -11.86 13.43
CA PRO A 102 11.76 -12.66 14.58
C PRO A 102 10.33 -12.35 15.03
N GLU A 103 9.96 -11.08 14.99
CA GLU A 103 8.60 -10.68 15.39
C GLU A 103 7.53 -11.17 14.41
N VAL A 104 7.79 -11.00 13.11
CA VAL A 104 6.85 -11.43 12.08
C VAL A 104 6.65 -12.95 12.06
N LYS A 105 7.75 -13.69 12.13
CA LYS A 105 7.69 -15.15 12.10
C LYS A 105 6.93 -15.69 13.32
N HIS A 106 7.07 -15.04 14.46
CA HIS A 106 6.39 -15.48 15.68
C HIS A 106 4.88 -15.27 15.61
N PHE A 107 4.46 -14.12 15.10
CA PHE A 107 3.05 -13.82 14.98
C PHE A 107 2.43 -14.25 13.67
N CYS A 108 3.23 -14.34 12.62
CA CYS A 108 2.70 -14.73 11.31
C CYS A 108 3.55 -15.79 10.60
N PRO A 109 3.70 -16.98 11.22
CA PRO A 109 4.51 -17.97 10.51
C PRO A 109 3.70 -18.39 9.28
N ASN A 110 4.39 -18.65 8.18
CA ASN A 110 3.72 -19.06 6.92
C ASN A 110 3.15 -17.92 6.08
N VAL A 111 3.09 -16.71 6.64
CA VAL A 111 2.60 -15.57 5.88
C VAL A 111 3.71 -15.05 4.96
N PRO A 112 3.42 -14.93 3.65
CA PRO A 112 4.37 -14.44 2.64
C PRO A 112 4.98 -13.09 3.01
N ILE A 113 6.30 -12.99 2.87
CA ILE A 113 7.03 -11.78 3.17
C ILE A 113 7.80 -11.23 1.97
N ILE A 114 7.61 -9.95 1.68
CA ILE A 114 8.36 -9.31 0.60
C ILE A 114 9.29 -8.30 1.27
N LEU A 115 10.59 -8.51 1.12
CA LEU A 115 11.57 -7.60 1.68
C LEU A 115 11.61 -6.40 0.73
N VAL A 116 11.40 -5.20 1.25
CA VAL A 116 11.39 -4.00 0.41
C VAL A 116 12.49 -2.99 0.74
N GLY A 117 13.26 -2.63 -0.28
CA GLY A 117 14.31 -1.65 -0.12
C GLY A 117 13.73 -0.31 -0.51
N ASN A 118 13.44 0.52 0.49
CA ASN A 118 12.87 1.85 0.24
C ASN A 118 13.91 2.93 -0.08
N LYS A 119 13.43 4.06 -0.59
CA LYS A 119 14.26 5.21 -0.93
C LYS A 119 15.38 4.91 -1.93
N LYS A 120 15.07 4.16 -2.97
CA LYS A 120 16.03 3.78 -4.00
C LYS A 120 16.70 5.00 -4.66
N ASP A 121 16.01 6.14 -4.63
CA ASP A 121 16.51 7.38 -5.22
C ASP A 121 17.69 7.96 -4.46
N LEU A 122 17.91 7.47 -3.24
CA LEU A 122 19.01 7.98 -2.43
C LEU A 122 20.32 7.23 -2.63
N ARG A 123 20.30 6.13 -3.37
CA ARG A 123 21.52 5.35 -3.61
C ARG A 123 22.61 6.19 -4.27
N ASN A 124 22.22 6.98 -5.28
CA ASN A 124 23.15 7.82 -5.99
C ASN A 124 23.13 9.27 -5.52
N ASP A 125 22.42 9.52 -4.43
CA ASP A 125 22.32 10.86 -3.87
C ASP A 125 23.66 11.19 -3.22
N GLU A 126 24.31 12.23 -3.72
CA GLU A 126 25.62 12.67 -3.23
C GLU A 126 25.61 13.03 -1.74
N HIS A 127 24.57 13.74 -1.29
CA HIS A 127 24.47 14.12 0.11
C HIS A 127 24.41 12.88 1.01
N THR A 128 23.70 11.86 0.56
CA THR A 128 23.58 10.61 1.30
C THR A 128 24.95 9.96 1.40
N ARG A 129 25.73 10.06 0.33
CA ARG A 129 27.08 9.49 0.28
C ARG A 129 27.99 10.12 1.32
N ARG A 130 28.01 11.45 1.37
CA ARG A 130 28.85 12.18 2.33
C ARG A 130 28.47 11.97 3.79
N GLU A 131 27.18 11.80 4.06
CA GLU A 131 26.71 11.56 5.42
C GLU A 131 27.05 10.16 5.88
N LEU A 132 26.77 9.18 5.03
CA LEU A 132 27.06 7.78 5.32
C LEU A 132 28.57 7.56 5.39
N ALA A 133 29.31 8.39 4.65
CA ALA A 133 30.77 8.31 4.63
C ALA A 133 31.36 8.61 6.00
N LYS A 134 30.78 9.60 6.69
CA LYS A 134 31.21 9.97 8.03
C LYS A 134 31.12 8.77 8.95
N MET A 135 29.94 8.15 8.97
CA MET A 135 29.68 6.97 9.80
C MET A 135 30.41 5.73 9.28
N LYS A 136 31.32 5.92 8.33
CA LYS A 136 32.10 4.85 7.73
C LYS A 136 31.22 3.85 6.98
N GLN A 137 30.13 4.35 6.39
CA GLN A 137 29.19 3.50 5.66
C GLN A 137 28.93 3.98 4.23
N GLU A 138 28.03 3.27 3.55
CA GLU A 138 27.62 3.56 2.17
C GLU A 138 26.26 2.90 1.96
N PRO A 139 25.42 3.47 1.04
CA PRO A 139 24.09 2.92 0.76
C PRO A 139 24.02 1.43 0.45
N VAL A 140 22.92 0.81 0.85
CA VAL A 140 22.71 -0.62 0.65
C VAL A 140 22.73 -1.02 -0.83
N LYS A 141 23.38 -2.14 -1.11
CA LYS A 141 23.48 -2.66 -2.47
C LYS A 141 22.36 -3.66 -2.77
N PRO A 142 21.97 -3.77 -4.04
CA PRO A 142 20.91 -4.70 -4.48
C PRO A 142 21.20 -6.14 -4.08
N GLU A 143 22.48 -6.52 -4.12
CA GLU A 143 22.90 -7.87 -3.76
C GLU A 143 22.72 -8.14 -2.28
N GLU A 144 23.03 -7.14 -1.46
CA GLU A 144 22.91 -7.25 -0.01
C GLU A 144 21.46 -7.42 0.42
N GLY A 145 20.57 -6.66 -0.22
CA GLY A 145 19.15 -6.75 0.09
C GLY A 145 18.60 -8.07 -0.40
N ARG A 146 19.10 -8.52 -1.54
CA ARG A 146 18.68 -9.78 -2.11
C ARG A 146 19.18 -10.95 -1.23
N ASP A 147 20.33 -10.77 -0.60
CA ASP A 147 20.92 -11.78 0.27
C ASP A 147 20.06 -11.92 1.52
N MET A 148 19.75 -10.77 2.12
CA MET A 148 18.95 -10.74 3.33
C MET A 148 17.59 -11.36 3.06
N ALA A 149 17.07 -11.14 1.84
CA ALA A 149 15.78 -11.70 1.44
C ALA A 149 15.86 -13.21 1.49
N ASN A 150 16.93 -13.75 0.90
CA ASN A 150 17.17 -15.20 0.90
C ASN A 150 17.32 -15.73 2.33
N ARG A 151 18.04 -14.97 3.15
CA ARG A 151 18.29 -15.37 4.53
C ARG A 151 17.03 -15.53 5.38
N ILE A 152 16.08 -14.62 5.23
CA ILE A 152 14.84 -14.69 6.00
C ILE A 152 13.75 -15.50 5.29
N GLY A 153 14.09 -16.06 4.14
CA GLY A 153 13.12 -16.85 3.39
C GLY A 153 11.93 -16.05 2.90
N ALA A 154 12.19 -14.85 2.37
CA ALA A 154 11.16 -13.96 1.85
C ALA A 154 10.66 -14.43 0.49
N PHE A 155 9.39 -14.11 0.20
CA PHE A 155 8.75 -14.46 -1.06
C PHE A 155 9.50 -13.80 -2.21
N GLY A 156 10.04 -12.61 -1.94
CA GLY A 156 10.78 -11.88 -2.95
C GLY A 156 11.47 -10.65 -2.38
N TYR A 157 12.26 -9.99 -3.23
CA TYR A 157 12.97 -8.78 -2.85
C TYR A 157 12.70 -7.70 -3.89
N MET A 158 12.29 -6.53 -3.45
CA MET A 158 11.98 -5.44 -4.36
C MET A 158 12.52 -4.12 -3.85
N GLU A 159 12.91 -3.26 -4.78
CA GLU A 159 13.40 -1.93 -4.44
C GLU A 159 12.46 -0.92 -5.07
N CYS A 160 12.34 0.24 -4.43
CA CYS A 160 11.45 1.25 -4.95
C CYS A 160 11.75 2.60 -4.30
N SER A 161 11.15 3.63 -4.86
CA SER A 161 11.27 4.99 -4.37
C SER A 161 9.86 5.56 -4.38
N ALA A 162 9.30 5.80 -3.20
CA ALA A 162 7.96 6.37 -3.10
C ALA A 162 7.99 7.76 -3.71
N LYS A 163 9.14 8.42 -3.60
CA LYS A 163 9.37 9.76 -4.10
C LYS A 163 9.19 9.91 -5.62
N THR A 164 9.88 9.06 -6.38
CA THR A 164 9.82 9.07 -7.84
C THR A 164 8.77 8.07 -8.36
N LYS A 165 8.15 7.33 -7.44
CA LYS A 165 7.15 6.31 -7.75
C LYS A 165 7.75 5.11 -8.51
N ASP A 166 9.08 5.10 -8.61
CA ASP A 166 9.81 4.02 -9.29
C ASP A 166 9.73 2.71 -8.52
N GLY A 167 9.27 1.66 -9.20
CA GLY A 167 9.15 0.35 -8.58
C GLY A 167 8.01 0.15 -7.59
N VAL A 168 7.16 1.17 -7.44
CA VAL A 168 6.04 1.10 -6.51
C VAL A 168 4.95 0.12 -6.94
N ARG A 169 4.57 0.14 -8.21
CA ARG A 169 3.53 -0.77 -8.67
C ARG A 169 4.03 -2.20 -8.57
N GLU A 170 5.29 -2.42 -8.97
CA GLU A 170 5.89 -3.75 -8.93
C GLU A 170 5.83 -4.35 -7.52
N VAL A 171 6.17 -3.54 -6.53
CA VAL A 171 6.13 -3.98 -5.14
C VAL A 171 4.73 -4.45 -4.75
N PHE A 172 3.71 -3.69 -5.12
CA PHE A 172 2.35 -4.06 -4.75
C PHE A 172 1.71 -5.17 -5.54
N GLU A 173 2.13 -5.35 -6.79
CA GLU A 173 1.59 -6.43 -7.60
C GLU A 173 2.18 -7.75 -7.13
N MET A 174 3.42 -7.72 -6.67
CA MET A 174 4.06 -8.93 -6.17
C MET A 174 3.46 -9.29 -4.82
N ALA A 175 3.21 -8.28 -3.99
CA ALA A 175 2.63 -8.49 -2.67
C ALA A 175 1.22 -9.07 -2.77
N THR A 176 0.48 -8.63 -3.79
CA THR A 176 -0.89 -9.09 -4.00
C THR A 176 -0.89 -10.53 -4.48
N ARG A 177 0.01 -10.85 -5.41
CA ARG A 177 0.11 -12.21 -5.94
C ARG A 177 0.43 -13.20 -4.82
N ALA A 178 1.32 -12.79 -3.91
CA ALA A 178 1.69 -13.63 -2.80
C ALA A 178 0.50 -13.84 -1.87
N ALA A 179 -0.22 -12.75 -1.59
CA ALA A 179 -1.38 -12.77 -0.71
C ALA A 179 -2.53 -13.60 -1.26
N LEU A 180 -2.52 -13.81 -2.59
CA LEU A 180 -3.56 -14.57 -3.27
C LEU A 180 -3.33 -16.08 -3.18
N GLN A 181 -2.06 -16.49 -3.22
CA GLN A 181 -1.71 -17.90 -3.15
C GLN A 181 -2.22 -18.56 -1.87
N ALA A 182 -2.35 -17.74 -0.83
CA ALA A 182 -2.83 -18.15 0.50
C ALA A 182 -3.75 -19.38 0.49
N TRP B 1 -22.17 14.32 1.87
CA TRP B 1 -21.47 13.15 1.26
C TRP B 1 -22.36 11.91 1.24
N SER B 2 -23.08 11.69 2.34
CA SER B 2 -23.95 10.53 2.51
C SER B 2 -24.79 10.17 1.30
N LEU B 3 -24.63 8.94 0.82
CA LEU B 3 -25.39 8.46 -0.35
C LEU B 3 -26.87 8.32 0.00
N LEU B 4 -27.15 8.08 1.29
CA LEU B 4 -28.54 7.96 1.75
C LEU B 4 -29.19 9.34 1.72
N GLU B 5 -28.42 10.35 2.09
CA GLU B 5 -28.88 11.74 2.08
C GLU B 5 -29.07 12.21 0.64
N GLN B 6 -28.21 11.74 -0.25
CA GLN B 6 -28.28 12.11 -1.66
C GLN B 6 -29.54 11.51 -2.28
N LEU B 7 -29.89 10.30 -1.88
CA LEU B 7 -31.07 9.59 -2.39
C LEU B 7 -32.36 9.88 -1.64
N GLY B 8 -32.30 10.81 -0.68
CA GLY B 8 -33.48 11.17 0.10
C GLY B 8 -34.00 10.06 0.99
N LEU B 9 -33.14 9.10 1.30
CA LEU B 9 -33.52 7.97 2.15
C LEU B 9 -33.07 8.17 3.59
N ALA B 10 -32.53 9.34 3.88
CA ALA B 10 -32.02 9.72 5.20
C ALA B 10 -32.67 9.04 6.40
N GLY B 11 -33.95 9.31 6.63
CA GLY B 11 -34.64 8.70 7.75
C GLY B 11 -35.76 7.76 7.36
N ALA B 12 -35.52 6.95 6.34
CA ALA B 12 -36.51 6.00 5.86
C ALA B 12 -36.29 4.62 6.46
N ASP B 13 -37.31 3.76 6.32
CA ASP B 13 -37.26 2.37 6.81
C ASP B 13 -36.46 1.64 5.73
N LEU B 14 -35.19 1.40 6.02
CA LEU B 14 -34.29 0.74 5.08
C LEU B 14 -34.49 -0.77 4.97
N ALA B 15 -35.23 -1.35 5.91
CA ALA B 15 -35.50 -2.79 5.90
C ALA B 15 -36.61 -3.17 4.91
N ALA B 16 -37.39 -2.18 4.46
CA ALA B 16 -38.48 -2.39 3.50
C ALA B 16 -37.94 -3.02 2.20
N PRO B 17 -38.73 -3.90 1.57
CA PRO B 17 -38.36 -4.59 0.32
C PRO B 17 -37.91 -3.69 -0.84
N GLY B 18 -38.65 -2.62 -1.10
CA GLY B 18 -38.30 -1.72 -2.18
C GLY B 18 -36.95 -1.06 -1.97
N VAL B 19 -36.77 -0.53 -0.78
CA VAL B 19 -35.51 0.14 -0.40
C VAL B 19 -34.34 -0.84 -0.46
N GLN B 20 -34.56 -2.06 0.03
CA GLN B 20 -33.54 -3.11 0.04
C GLN B 20 -33.07 -3.49 -1.36
N GLN B 21 -33.98 -3.40 -2.33
CA GLN B 21 -33.66 -3.71 -3.71
C GLN B 21 -32.91 -2.55 -4.36
N GLN B 22 -33.35 -1.33 -4.03
CA GLN B 22 -32.72 -0.12 -4.56
C GLN B 22 -31.28 -0.04 -4.07
N LEU B 23 -31.06 -0.45 -2.82
CA LEU B 23 -29.72 -0.42 -2.24
C LEU B 23 -28.81 -1.48 -2.85
N GLU B 24 -29.36 -2.66 -3.14
CA GLU B 24 -28.58 -3.73 -3.76
C GLU B 24 -28.14 -3.25 -5.14
N LEU B 25 -29.03 -2.52 -5.82
CA LEU B 25 -28.74 -1.97 -7.13
C LEU B 25 -27.61 -0.95 -7.02
N GLU B 26 -27.69 -0.11 -5.99
CA GLU B 26 -26.68 0.91 -5.74
C GLU B 26 -25.32 0.28 -5.42
N ARG B 27 -25.32 -0.81 -4.67
CA ARG B 27 -24.08 -1.49 -4.32
C ARG B 27 -23.44 -2.08 -5.58
N GLU B 28 -24.29 -2.60 -6.46
CA GLU B 28 -23.81 -3.17 -7.72
C GLU B 28 -23.18 -2.06 -8.55
N ARG B 29 -23.86 -0.92 -8.61
CA ARG B 29 -23.38 0.24 -9.36
C ARG B 29 -22.01 0.62 -8.83
N LEU B 30 -21.93 0.85 -7.51
CA LEU B 30 -20.69 1.22 -6.85
C LEU B 30 -19.56 0.23 -7.15
N ARG B 31 -19.86 -1.06 -7.10
CA ARG B 31 -18.86 -2.08 -7.39
C ARG B 31 -18.33 -1.93 -8.80
N ARG B 32 -19.22 -1.63 -9.73
CA ARG B 32 -18.83 -1.43 -11.12
C ARG B 32 -18.01 -0.16 -11.29
N GLU B 33 -18.37 0.88 -10.55
CA GLU B 33 -17.66 2.15 -10.59
C GLU B 33 -16.22 1.99 -10.11
N ILE B 34 -16.06 1.25 -9.01
CA ILE B 34 -14.76 0.96 -8.40
C ILE B 34 -13.86 0.20 -9.37
N ARG B 35 -14.43 -0.82 -10.02
CA ARG B 35 -13.68 -1.62 -10.99
C ARG B 35 -13.23 -0.76 -12.17
N LYS B 36 -14.10 0.13 -12.64
CA LYS B 36 -13.77 1.02 -13.76
C LYS B 36 -12.67 1.99 -13.40
N GLU B 37 -12.79 2.57 -12.20
CA GLU B 37 -11.81 3.53 -11.71
C GLU B 37 -10.46 2.84 -11.51
N LEU B 38 -10.51 1.61 -11.02
CA LEU B 38 -9.32 0.79 -10.79
C LEU B 38 -8.53 0.58 -12.09
N LYS B 39 -9.24 0.27 -13.17
CA LYS B 39 -8.62 0.03 -14.46
C LYS B 39 -8.11 1.32 -15.11
N LEU B 40 -8.84 2.42 -14.88
CA LEU B 40 -8.43 3.72 -15.41
C LEU B 40 -7.13 4.14 -14.72
N LYS B 41 -7.02 3.83 -13.43
CA LYS B 41 -5.83 4.15 -12.66
C LYS B 41 -4.63 3.37 -13.17
N GLU B 42 -4.83 2.07 -13.40
CA GLU B 42 -3.75 1.22 -13.89
C GLU B 42 -3.30 1.70 -15.26
N GLY B 43 -4.26 2.14 -16.07
CA GLY B 43 -3.96 2.66 -17.40
C GLY B 43 -3.23 3.99 -17.28
N ALA B 44 -3.64 4.81 -16.32
CA ALA B 44 -3.02 6.11 -16.09
C ALA B 44 -1.57 5.96 -15.65
N GLU B 45 -1.28 4.88 -14.94
CA GLU B 45 0.08 4.60 -14.49
C GLU B 45 0.92 4.26 -15.72
N ASN B 46 0.32 3.53 -16.66
CA ASN B 46 1.00 3.16 -17.89
C ASN B 46 1.33 4.42 -18.69
N LEU B 47 0.40 5.36 -18.71
CA LEU B 47 0.57 6.62 -19.42
C LEU B 47 1.66 7.43 -18.73
N ARG B 48 1.64 7.47 -17.40
CA ARG B 48 2.65 8.21 -16.64
C ARG B 48 4.03 7.69 -17.01
N ARG B 49 4.16 6.37 -17.12
CA ARG B 49 5.43 5.77 -17.49
C ARG B 49 5.77 6.09 -18.95
N ALA B 50 4.76 6.06 -19.82
CA ALA B 50 4.96 6.36 -21.24
C ALA B 50 5.39 7.82 -21.42
N THR B 51 4.80 8.71 -20.62
CA THR B 51 5.12 10.13 -20.67
C THR B 51 6.53 10.37 -20.15
N THR B 52 6.95 9.55 -19.20
CA THR B 52 8.29 9.64 -18.62
C THR B 52 9.35 9.35 -19.69
N ASP B 53 9.06 8.40 -20.57
CA ASP B 53 9.98 8.02 -21.64
C ASP B 53 9.95 9.00 -22.82
N LEU B 54 8.87 9.76 -22.94
CA LEU B 54 8.72 10.74 -24.01
C LEU B 54 9.44 12.03 -23.58
N GLY B 55 9.72 12.13 -22.29
CA GLY B 55 10.39 13.30 -21.75
C GLY B 55 9.48 14.51 -21.63
N ARG B 56 8.23 14.27 -21.22
CA ARG B 56 7.25 15.34 -21.07
C ARG B 56 6.74 15.47 -19.64
N SER B 57 5.95 16.51 -19.39
CA SER B 57 5.40 16.79 -18.06
C SER B 57 4.44 15.73 -17.52
N LEU B 58 4.70 15.30 -16.29
CA LEU B 58 3.87 14.29 -15.62
C LEU B 58 2.77 14.92 -14.76
N GLY B 59 2.79 16.25 -14.65
CA GLY B 59 1.80 16.98 -13.87
C GLY B 59 0.36 16.59 -14.17
N PRO B 60 -0.09 16.73 -15.42
CA PRO B 60 -1.46 16.38 -15.79
C PRO B 60 -1.86 14.95 -15.40
N VAL B 61 -0.99 13.99 -15.70
CA VAL B 61 -1.26 12.58 -15.38
C VAL B 61 -1.32 12.33 -13.87
N GLU B 62 -0.39 12.95 -13.14
CA GLU B 62 -0.35 12.83 -11.68
C GLU B 62 -1.64 13.36 -11.08
N LEU B 63 -2.15 14.45 -11.65
CA LEU B 63 -3.38 15.04 -11.16
C LEU B 63 -4.56 14.11 -11.40
N LEU B 64 -4.59 13.47 -12.57
CA LEU B 64 -5.65 12.52 -12.91
C LEU B 64 -5.59 11.34 -11.96
N LEU B 65 -4.37 10.83 -11.71
CA LEU B 65 -4.14 9.69 -10.81
C LEU B 65 -4.68 9.98 -9.41
N ARG B 66 -4.43 11.20 -8.93
CA ARG B 66 -4.91 11.63 -7.62
C ARG B 66 -6.43 11.76 -7.62
N GLY B 67 -6.99 12.31 -8.68
CA GLY B 67 -8.42 12.46 -8.78
C GLY B 67 -9.11 11.10 -8.81
N SER B 68 -8.40 10.14 -9.39
CA SER B 68 -8.90 8.79 -9.52
C SER B 68 -8.89 8.06 -8.18
N SER B 69 -7.83 8.26 -7.39
CA SER B 69 -7.74 7.64 -6.07
C SER B 69 -8.74 8.28 -5.12
N ARG B 70 -8.99 9.58 -5.35
CA ARG B 70 -9.92 10.34 -4.54
C ARG B 70 -11.35 9.86 -4.82
N ARG B 71 -11.61 9.52 -6.07
CA ARG B 71 -12.92 9.03 -6.46
C ARG B 71 -13.13 7.62 -5.87
N LEU B 72 -12.10 6.79 -5.92
CA LEU B 72 -12.17 5.43 -5.37
C LEU B 72 -12.49 5.51 -3.88
N ASP B 73 -11.95 6.53 -3.23
CA ASP B 73 -12.16 6.76 -1.81
C ASP B 73 -13.64 7.00 -1.52
N LEU B 74 -14.26 7.90 -2.27
CA LEU B 74 -15.65 8.24 -2.12
C LEU B 74 -16.53 7.03 -2.37
N LEU B 75 -16.21 6.28 -3.43
CA LEU B 75 -16.95 5.07 -3.78
C LEU B 75 -16.88 4.04 -2.67
N HIS B 76 -15.75 3.98 -1.97
CA HIS B 76 -15.60 3.04 -0.88
C HIS B 76 -16.35 3.45 0.38
N GLN B 77 -16.46 4.75 0.62
CA GLN B 77 -17.16 5.27 1.78
C GLN B 77 -18.66 4.99 1.65
N GLN B 78 -19.19 5.23 0.44
CA GLN B 78 -20.60 5.02 0.15
C GLN B 78 -20.96 3.54 0.16
N LEU B 79 -20.09 2.72 -0.42
CA LEU B 79 -20.30 1.28 -0.47
C LEU B 79 -20.28 0.71 0.95
N GLN B 80 -19.44 1.30 1.80
CA GLN B 80 -19.31 0.90 3.19
C GLN B 80 -20.58 1.26 3.95
N GLU B 81 -21.10 2.45 3.66
CA GLU B 81 -22.32 2.95 4.27
C GLU B 81 -23.53 2.07 3.95
N LEU B 82 -23.53 1.46 2.77
CA LEU B 82 -24.65 0.61 2.37
C LEU B 82 -24.52 -0.84 2.85
N HIS B 83 -23.29 -1.26 3.17
CA HIS B 83 -23.06 -2.62 3.67
C HIS B 83 -23.65 -2.77 5.07
N ALA B 84 -23.78 -1.64 5.75
CA ALA B 84 -24.33 -1.61 7.10
C ALA B 84 -25.85 -1.82 7.12
N HIS B 85 -26.49 -1.63 5.96
CA HIS B 85 -27.93 -1.77 5.85
C HIS B 85 -28.44 -2.86 4.90
N VAL B 86 -27.72 -3.96 4.81
CA VAL B 86 -28.12 -5.07 3.93
C VAL B 86 -28.86 -6.16 4.71
MG MG C . 4.65 5.67 9.24
PG GSP D . 7.44 5.62 11.11
O3B GSP D . 8.08 6.07 9.64
S1G GSP D . 8.44 6.61 12.45
O2G GSP D . 6.03 6.03 11.01
O3G GSP D . 7.69 4.14 11.14
PB GSP D . 7.81 5.54 8.15
O1B GSP D . 8.63 4.36 7.96
O2B GSP D . 6.36 5.41 7.77
PA GSP D . 7.77 7.76 6.22
O1A GSP D . 7.19 6.96 5.13
O2A GSP D . 6.87 8.68 6.97
O3A GSP D . 8.44 6.68 7.24
O5' GSP D . 9.09 8.53 5.71
C5' GSP D . 10.14 8.99 6.57
C4' GSP D . 10.90 10.09 5.95
O4' GSP D . 11.56 9.65 4.73
C3' GSP D . 9.97 11.22 5.54
O3' GSP D . 10.53 12.52 5.76
C2' GSP D . 9.75 10.99 4.02
O2' GSP D . 9.46 12.16 3.29
C1' GSP D . 11.06 10.37 3.56
N9 GSP D . 10.83 9.41 2.47
C8 GSP D . 9.87 8.41 2.36
N7 GSP D . 9.92 7.73 1.27
C5 GSP D . 11.00 8.31 0.60
C6 GSP D . 11.57 7.98 -0.71
O6 GSP D . 11.25 7.12 -1.53
N1 GSP D . 12.66 8.80 -1.00
C2 GSP D . 13.13 9.80 -0.17
N2 GSP D . 14.17 10.52 -0.56
N3 GSP D . 12.61 10.10 1.01
C4 GSP D . 11.54 9.31 1.33
#